data_2GEF
#
_entry.id   2GEF
#
_cell.length_a   144.070
_cell.length_b   144.070
_cell.length_c   144.070
_cell.angle_alpha   90.00
_cell.angle_beta   90.00
_cell.angle_gamma   90.00
#
_symmetry.space_group_name_H-M   'I 2 3'
#
loop_
_entity.id
_entity.type
_entity.pdbx_description
1 polymer 'Protease VP4'
2 water water
#
_entity_poly.entity_id   1
_entity_poly.type   'polypeptide(L)'
_entity_poly.pdbx_seq_one_letter_code
;MADLPISLLQTLAYKQPLGRNSRIVHFTDGALFPVVAFGDNHSTSELYIAVRGDHRDL(MSE)SPDVRDSYALTGDDHKV
WGATHHTYYVEGAPKKPLKFNVKTRTDLTILPVADVFWRADGSADVDVVWND(MSE)PAVAGQSSSIALALASSLPFVPK
AAYTGCLSGTNVQPVQFGNLKARAAHKIGLPLVG(MSE)TQDGGEDTRICTLDDAADHAFDS(MSE)ESTVTR
;
_entity_poly.pdbx_strand_id   A,B
#
# COMPACT_ATOMS: atom_id res chain seq x y z
N ASP A 3 -19.73 1.03 7.99
CA ASP A 3 -20.59 0.82 6.75
C ASP A 3 -19.90 -0.17 5.80
N LEU A 4 -20.35 -0.31 4.56
CA LEU A 4 -19.72 -1.30 3.74
C LEU A 4 -18.94 -0.49 2.68
N PRO A 5 -18.10 -1.15 1.85
CA PRO A 5 -17.22 -0.50 0.80
C PRO A 5 -17.97 0.28 -0.27
N ILE A 6 -17.34 1.28 -0.88
CA ILE A 6 -17.88 2.03 -2.07
C ILE A 6 -16.97 1.40 -3.12
N SER A 7 -17.53 0.94 -4.22
CA SER A 7 -16.54 0.62 -5.19
C SER A 7 -16.13 1.86 -6.03
N LEU A 8 -14.84 2.15 -6.05
CA LEU A 8 -14.32 3.16 -6.89
C LEU A 8 -13.21 2.78 -7.90
N LEU A 9 -13.16 3.51 -8.98
CA LEU A 9 -12.20 3.27 -9.97
C LEU A 9 -10.95 4.11 -9.68
N GLN A 10 -9.78 3.48 -9.86
CA GLN A 10 -8.54 4.15 -9.66
C GLN A 10 -7.53 3.75 -10.74
N THR A 11 -7.06 4.68 -11.53
CA THR A 11 -5.90 4.47 -12.38
C THR A 11 -4.57 4.32 -11.57
N LEU A 12 -3.73 3.32 -11.93
CA LEU A 12 -2.55 2.83 -11.16
C LEU A 12 -1.42 2.93 -12.18
N ALA A 13 -0.24 3.41 -11.81
CA ALA A 13 0.97 3.29 -12.69
C ALA A 13 1.72 1.99 -12.31
N TYR A 14 1.67 0.97 -13.13
CA TYR A 14 2.28 -0.37 -12.86
C TYR A 14 3.63 -0.59 -13.52
N LYS A 15 4.59 -1.02 -12.70
CA LYS A 15 5.88 -1.53 -13.17
C LYS A 15 6.13 -2.97 -12.72
N GLN A 16 7.00 -3.63 -13.47
CA GLN A 16 7.36 -4.95 -13.09
C GLN A 16 8.58 -4.73 -12.21
N PRO A 17 8.68 -5.50 -11.14
CA PRO A 17 9.88 -5.57 -10.38
C PRO A 17 11.09 -5.92 -11.27
N LEU A 18 12.14 -5.15 -11.14
CA LEU A 18 13.44 -5.60 -11.59
C LEU A 18 13.76 -6.65 -10.50
N GLY A 19 13.97 -7.88 -10.96
CA GLY A 19 14.48 -9.00 -10.13
C GLY A 19 16.01 -9.12 -10.25
N ARG A 20 16.67 -9.44 -9.14
CA ARG A 20 18.10 -9.48 -9.14
C ARG A 20 18.63 -10.80 -8.48
N ASN A 21 19.93 -11.04 -8.58
CA ASN A 21 20.52 -12.26 -8.10
C ASN A 21 19.78 -13.58 -8.58
N SER A 22 19.55 -13.69 -9.88
CA SER A 22 18.90 -14.84 -10.46
C SER A 22 19.47 -16.26 -10.37
N ARG A 23 18.77 -17.20 -9.65
CA ARG A 23 19.12 -18.63 -9.77
C ARG A 23 17.99 -19.56 -10.19
N ILE A 24 18.21 -20.29 -11.28
CA ILE A 24 17.36 -21.36 -11.63
C ILE A 24 17.40 -22.44 -10.48
N VAL A 25 16.25 -22.76 -9.87
CA VAL A 25 16.21 -23.89 -8.98
C VAL A 25 15.06 -24.78 -9.37
N HIS A 26 15.32 -26.05 -9.08
CA HIS A 26 14.43 -27.08 -9.50
C HIS A 26 13.60 -27.40 -8.25
N PHE A 27 12.28 -27.26 -8.41
CA PHE A 27 11.31 -27.54 -7.38
C PHE A 27 10.42 -28.65 -7.93
N THR A 28 10.26 -29.65 -7.08
CA THR A 28 9.34 -30.70 -7.35
C THR A 28 7.93 -30.36 -6.82
N ASP A 29 7.78 -29.24 -6.13
CA ASP A 29 6.53 -28.81 -5.49
C ASP A 29 6.57 -27.36 -5.07
N GLY A 30 5.41 -26.70 -4.82
CA GLY A 30 5.33 -25.28 -4.57
C GLY A 30 4.07 -24.75 -5.22
N ALA A 31 3.56 -23.58 -4.83
CA ALA A 31 2.40 -23.00 -5.50
C ALA A 31 2.67 -21.51 -5.68
N LEU A 32 2.27 -20.99 -6.82
CA LEU A 32 2.37 -19.56 -7.17
C LEU A 32 1.19 -18.79 -6.74
N PHE A 33 1.51 -17.56 -6.35
CA PHE A 33 0.52 -16.61 -5.98
C PHE A 33 1.05 -15.14 -6.34
N PRO A 34 0.13 -14.16 -6.55
CA PRO A 34 0.50 -12.77 -6.82
C PRO A 34 0.67 -11.91 -5.66
N VAL A 35 1.70 -11.03 -5.79
CA VAL A 35 2.09 -10.12 -4.74
C VAL A 35 2.10 -8.67 -5.25
N VAL A 36 1.23 -7.82 -4.64
CA VAL A 36 1.12 -6.45 -5.15
C VAL A 36 1.68 -5.49 -3.99
N ALA A 37 2.26 -4.36 -4.40
CA ALA A 37 2.73 -3.33 -3.53
C ALA A 37 2.53 -1.97 -4.23
N PHE A 38 2.33 -0.96 -3.38
CA PHE A 38 2.05 0.48 -3.80
C PHE A 38 3.01 1.49 -3.24
N GLY A 39 3.66 2.32 -4.05
CA GLY A 39 4.28 3.57 -3.48
C GLY A 39 3.69 4.85 -4.11
N ASP A 40 4.27 6.00 -3.74
CA ASP A 40 4.06 7.29 -4.40
C ASP A 40 4.60 6.92 -5.79
N ASN A 41 4.17 7.42 -6.90
CA ASN A 41 4.99 6.98 -8.10
C ASN A 41 4.53 5.78 -8.84
N HIS A 42 4.70 4.58 -8.25
CA HIS A 42 4.33 3.29 -8.88
C HIS A 42 3.79 2.15 -7.95
N SER A 43 3.07 1.23 -8.55
CA SER A 43 2.61 -0.01 -8.03
C SER A 43 3.36 -1.12 -8.73
N THR A 44 3.45 -2.27 -8.03
CA THR A 44 4.11 -3.46 -8.49
C THR A 44 3.16 -4.68 -8.39
N SER A 45 3.35 -5.68 -9.24
CA SER A 45 2.65 -6.97 -9.22
C SER A 45 3.73 -7.91 -9.69
N GLU A 46 3.85 -9.01 -8.97
CA GLU A 46 4.91 -10.03 -9.19
C GLU A 46 4.34 -11.38 -8.79
N LEU A 47 4.89 -12.50 -9.26
CA LEU A 47 4.71 -13.83 -8.57
C LEU A 47 5.72 -14.15 -7.58
N TYR A 48 5.30 -14.88 -6.58
CA TYR A 48 6.12 -15.55 -5.58
C TYR A 48 5.65 -16.99 -5.57
N ILE A 49 6.50 -17.84 -5.10
CA ILE A 49 6.23 -19.27 -5.01
C ILE A 49 6.29 -19.60 -3.59
N ALA A 50 5.23 -20.21 -3.04
CA ALA A 50 5.29 -20.76 -1.67
C ALA A 50 5.79 -22.22 -1.82
N VAL A 51 6.80 -22.59 -1.04
CA VAL A 51 7.33 -24.05 -1.01
C VAL A 51 7.34 -24.49 0.39
N ARG A 52 6.88 -25.69 0.62
CA ARG A 52 7.05 -26.30 1.99
C ARG A 52 8.50 -26.61 2.42
N GLY A 53 8.74 -26.34 3.68
CA GLY A 53 10.02 -26.58 4.43
C GLY A 53 10.70 -25.20 4.45
N ASP A 54 11.93 -25.17 4.94
CA ASP A 54 12.65 -23.95 5.01
C ASP A 54 13.74 -23.79 3.95
N HIS A 55 13.52 -22.80 3.09
CA HIS A 55 14.38 -22.49 1.91
C HIS A 55 14.83 -21.13 2.07
N ARG A 56 15.02 -20.78 3.33
CA ARG A 56 15.71 -19.55 3.81
C ARG A 56 17.01 -19.27 3.00
N ASP A 57 17.72 -20.34 2.67
CA ASP A 57 18.99 -20.19 1.94
C ASP A 57 18.85 -19.56 0.61
N LEU A 58 17.61 -19.44 0.17
CA LEU A 58 17.23 -18.99 -1.16
C LEU A 58 16.65 -17.53 -1.10
N SER A 60 16.65 -13.49 0.01
CA SER A 60 17.49 -12.30 0.45
C SER A 60 17.72 -12.28 2.00
N PRO A 61 18.87 -11.77 2.51
CA PRO A 61 18.99 -11.64 4.03
C PRO A 61 17.94 -10.63 4.66
N ASP A 62 17.54 -9.65 3.85
CA ASP A 62 16.74 -8.52 4.27
C ASP A 62 15.34 -9.05 4.59
N VAL A 63 14.97 -10.26 4.12
CA VAL A 63 13.63 -10.86 4.48
C VAL A 63 13.59 -12.15 5.32
N ARG A 64 14.73 -12.84 5.33
CA ARG A 64 14.96 -14.07 6.12
C ARG A 64 14.44 -14.17 7.56
N ASP A 65 14.48 -13.14 8.39
CA ASP A 65 13.98 -13.16 9.78
C ASP A 65 12.48 -12.91 9.96
N SER A 66 11.80 -12.59 8.88
CA SER A 66 10.37 -12.22 8.96
C SER A 66 9.56 -13.53 8.87
N TYR A 67 8.49 -13.74 9.62
CA TYR A 67 7.59 -14.92 9.33
C TYR A 67 6.20 -14.58 9.91
N ALA A 68 5.16 -15.21 9.34
CA ALA A 68 3.83 -15.16 9.93
C ALA A 68 3.55 -16.55 10.48
N LEU A 69 2.68 -16.62 11.48
CA LEU A 69 2.21 -17.89 11.95
C LEU A 69 0.98 -18.32 11.13
N THR A 70 0.98 -19.63 10.81
CA THR A 70 -0.18 -20.31 10.24
C THR A 70 -1.17 -20.65 11.36
N GLY A 71 -2.31 -21.14 10.99
CA GLY A 71 -3.40 -21.32 11.99
C GLY A 71 -3.16 -22.50 12.93
N ASP A 72 -2.21 -23.40 12.59
CA ASP A 72 -1.68 -24.39 13.51
C ASP A 72 -0.22 -24.04 13.93
N ASP A 73 0.22 -22.77 13.89
CA ASP A 73 1.44 -22.38 14.57
C ASP A 73 2.75 -22.72 13.90
N HIS A 74 2.68 -22.97 12.59
CA HIS A 74 3.84 -23.13 11.74
C HIS A 74 4.34 -21.81 11.26
N LYS A 75 5.54 -21.81 10.72
CA LYS A 75 6.07 -20.56 10.07
C LYS A 75 6.04 -20.50 8.57
N VAL A 76 5.70 -19.29 8.11
CA VAL A 76 5.81 -19.02 6.73
C VAL A 76 6.88 -18.00 6.73
N TRP A 77 8.14 -18.42 6.48
CA TRP A 77 9.25 -17.50 6.22
C TRP A 77 9.04 -16.52 4.99
N GLY A 78 9.21 -15.22 5.22
CA GLY A 78 9.08 -14.21 4.16
C GLY A 78 7.83 -13.43 4.15
N ALA A 79 6.94 -13.78 5.09
CA ALA A 79 5.59 -13.21 5.15
C ALA A 79 5.47 -12.45 6.45
N THR A 80 4.56 -11.48 6.55
CA THR A 80 4.38 -10.57 7.72
C THR A 80 2.95 -10.69 8.36
N HIS A 81 2.87 -10.64 9.69
CA HIS A 81 1.61 -10.35 10.42
C HIS A 81 1.30 -8.83 10.43
N LYS A 95 -2.25 -14.49 13.47
CA LYS A 95 -2.00 -15.73 12.75
C LYS A 95 -2.85 -15.84 11.45
N PHE A 96 -2.38 -16.64 10.50
CA PHE A 96 -3.14 -16.93 9.33
C PHE A 96 -4.29 -17.85 9.74
N ASN A 97 -5.41 -17.84 8.99
CA ASN A 97 -6.46 -18.84 9.09
C ASN A 97 -6.08 -20.37 8.76
N VAL A 98 -5.44 -20.51 7.61
CA VAL A 98 -4.84 -21.70 7.07
C VAL A 98 -3.94 -22.54 8.02
N LYS A 99 -4.12 -23.84 7.92
CA LYS A 99 -3.47 -24.75 8.79
C LYS A 99 -2.70 -25.58 7.73
N THR A 100 -1.41 -25.65 7.88
CA THR A 100 -0.58 -26.23 6.87
C THR A 100 0.13 -27.51 7.32
N ARG A 101 0.19 -27.85 8.65
CA ARG A 101 1.10 -28.93 9.18
C ARG A 101 2.62 -28.90 8.68
N THR A 102 3.09 -27.73 8.23
CA THR A 102 4.48 -27.60 7.83
C THR A 102 4.85 -26.11 7.82
N ASP A 103 6.13 -25.84 8.02
CA ASP A 103 6.64 -24.50 7.67
C ASP A 103 6.66 -24.27 6.18
N LEU A 104 6.66 -23.06 5.74
CA LEU A 104 6.77 -22.87 4.29
C LEU A 104 7.65 -21.66 4.19
N THR A 105 8.24 -21.45 3.02
CA THR A 105 8.97 -20.29 2.70
C THR A 105 8.41 -19.75 1.43
N ILE A 106 8.27 -18.44 1.27
CA ILE A 106 7.83 -17.88 -0.02
C ILE A 106 9.00 -17.06 -0.63
N LEU A 107 9.08 -17.04 -1.93
CA LEU A 107 10.23 -16.50 -2.67
C LEU A 107 9.76 -15.75 -3.90
N PRO A 108 10.35 -14.57 -4.15
CA PRO A 108 9.89 -13.92 -5.43
C PRO A 108 10.39 -14.73 -6.57
N VAL A 109 9.65 -14.85 -7.68
CA VAL A 109 10.14 -15.56 -8.87
C VAL A 109 9.91 -14.74 -10.22
N ALA A 110 10.92 -14.68 -11.12
CA ALA A 110 10.72 -14.05 -12.42
C ALA A 110 10.11 -14.92 -13.49
N ASP A 111 10.13 -16.25 -13.38
CA ASP A 111 9.66 -17.14 -14.40
C ASP A 111 9.75 -18.59 -13.96
N VAL A 112 9.17 -19.48 -14.78
CA VAL A 112 8.91 -20.88 -14.42
C VAL A 112 8.81 -21.73 -15.67
N PHE A 113 9.66 -22.75 -15.66
CA PHE A 113 9.81 -23.66 -16.78
C PHE A 113 9.45 -24.97 -16.19
N TRP A 114 8.31 -25.54 -16.58
CA TRP A 114 7.90 -26.93 -16.25
C TRP A 114 8.69 -27.97 -17.06
N ARG A 115 8.94 -29.07 -16.34
CA ARG A 115 9.36 -30.32 -16.90
C ARG A 115 8.08 -31.18 -17.16
N ALA A 116 8.19 -32.11 -18.12
CA ALA A 116 7.28 -33.32 -18.27
C ALA A 116 6.71 -34.03 -16.99
N ASP A 117 7.43 -34.10 -15.87
CA ASP A 117 6.90 -34.69 -14.63
C ASP A 117 6.22 -33.81 -13.58
N GLY A 118 5.86 -32.56 -13.88
CA GLY A 118 5.04 -31.86 -12.90
C GLY A 118 5.88 -30.96 -12.03
N SER A 119 7.20 -31.21 -12.07
CA SER A 119 8.21 -30.37 -11.45
C SER A 119 8.53 -29.19 -12.35
N ALA A 120 9.29 -28.23 -11.84
CA ALA A 120 9.67 -27.00 -12.60
C ALA A 120 10.97 -26.36 -12.15
N ASP A 121 11.66 -25.77 -13.12
CA ASP A 121 12.84 -25.02 -12.84
C ASP A 121 12.29 -23.61 -12.72
N VAL A 122 12.62 -22.92 -11.64
CA VAL A 122 11.90 -21.72 -11.27
C VAL A 122 13.05 -20.78 -11.11
N ASP A 123 12.90 -19.67 -11.82
CA ASP A 123 13.87 -18.60 -11.68
C ASP A 123 13.57 -17.78 -10.39
N VAL A 124 14.24 -18.11 -9.31
CA VAL A 124 14.08 -17.42 -8.03
C VAL A 124 14.95 -16.15 -8.12
N VAL A 125 14.44 -15.04 -7.66
CA VAL A 125 15.15 -13.77 -7.74
C VAL A 125 15.15 -13.12 -6.32
N TRP A 126 16.00 -12.11 -6.14
CA TRP A 126 15.86 -11.10 -5.12
C TRP A 126 15.23 -9.87 -5.73
N ASN A 127 14.14 -9.44 -5.09
CA ASN A 127 13.43 -8.19 -5.41
C ASN A 127 13.71 -7.52 -4.05
N ASP A 128 13.76 -6.20 -3.92
CA ASP A 128 14.20 -5.65 -2.62
C ASP A 128 12.97 -5.16 -1.85
N PRO A 130 9.74 -5.47 0.83
CA PRO A 130 9.63 -5.96 2.21
C PRO A 130 8.96 -7.32 2.30
N ALA A 131 8.92 -7.89 3.49
CA ALA A 131 8.16 -9.10 3.76
C ALA A 131 6.71 -8.97 3.28
N VAL A 132 6.11 -10.06 2.86
CA VAL A 132 4.80 -9.99 2.24
C VAL A 132 3.70 -9.90 3.28
N ALA A 133 2.87 -8.86 3.16
CA ALA A 133 1.82 -8.67 4.20
C ALA A 133 0.50 -9.32 3.72
N GLY A 134 -0.46 -9.64 4.59
CA GLY A 134 -1.85 -9.97 4.15
C GLY A 134 -1.89 -11.44 3.90
N GLN A 135 -3.10 -11.95 3.58
CA GLN A 135 -3.39 -13.40 3.58
C GLN A 135 -3.90 -13.96 2.27
N SER A 136 -3.89 -13.19 1.19
CA SER A 136 -4.31 -13.64 -0.13
C SER A 136 -3.47 -14.79 -0.68
N SER A 137 -2.37 -15.14 0.01
CA SER A 137 -1.50 -16.26 -0.31
C SER A 137 -2.04 -17.56 0.20
N SER A 138 -3.15 -17.53 0.93
CA SER A 138 -3.59 -18.66 1.69
C SER A 138 -3.90 -19.85 0.84
N ILE A 139 -4.50 -19.66 -0.33
CA ILE A 139 -4.72 -20.73 -1.21
C ILE A 139 -3.38 -21.38 -1.65
N ALA A 140 -2.39 -20.58 -2.12
CA ALA A 140 -1.01 -21.09 -2.43
C ALA A 140 -0.35 -21.88 -1.26
N LEU A 141 -0.32 -21.26 -0.11
CA LEU A 141 0.07 -22.05 1.12
C LEU A 141 -0.41 -23.41 1.28
N ALA A 142 -1.71 -23.51 1.30
CA ALA A 142 -2.49 -24.78 1.25
C ALA A 142 -2.07 -25.77 0.19
N LEU A 143 -2.20 -25.36 -1.05
CA LEU A 143 -1.81 -26.30 -2.14
C LEU A 143 -0.31 -26.68 -1.91
N ALA A 144 0.55 -25.73 -1.49
CA ALA A 144 2.00 -25.99 -1.48
C ALA A 144 2.30 -26.90 -0.34
N SER A 145 1.52 -26.83 0.71
CA SER A 145 1.72 -27.70 1.82
C SER A 145 1.16 -29.14 1.51
N SER A 146 0.36 -29.31 0.48
CA SER A 146 -0.18 -30.61 0.21
C SER A 146 0.18 -31.28 -1.10
N LEU A 147 0.30 -30.50 -2.19
CA LEU A 147 0.65 -31.06 -3.51
C LEU A 147 2.11 -31.52 -3.82
N PRO A 148 2.26 -32.65 -4.54
CA PRO A 148 3.62 -33.16 -4.96
C PRO A 148 4.04 -32.67 -6.37
N PHE A 149 3.57 -31.47 -6.76
CA PHE A 149 3.75 -30.89 -8.15
C PHE A 149 3.48 -29.35 -8.00
N VAL A 150 3.95 -28.61 -9.04
CA VAL A 150 3.86 -27.16 -9.17
C VAL A 150 2.67 -26.90 -10.16
N PRO A 151 1.52 -26.52 -9.60
CA PRO A 151 0.29 -26.29 -10.46
C PRO A 151 0.64 -25.23 -11.48
N LYS A 152 0.22 -25.39 -12.74
CA LYS A 152 0.45 -24.26 -13.69
C LYS A 152 -0.61 -23.18 -13.60
N ALA A 153 -0.56 -22.32 -12.60
CA ALA A 153 -1.53 -21.31 -12.46
C ALA A 153 -1.03 -20.48 -11.36
N ALA A 154 -1.46 -19.22 -11.23
CA ALA A 154 -1.16 -18.53 -9.95
C ALA A 154 -2.42 -18.46 -9.14
N TYR A 155 -2.32 -18.50 -7.83
CA TYR A 155 -3.52 -18.48 -6.94
C TYR A 155 -3.61 -17.26 -6.01
N THR A 156 -4.87 -16.79 -5.81
CA THR A 156 -5.11 -15.67 -4.87
C THR A 156 -6.43 -15.84 -4.14
N GLY A 157 -6.38 -15.67 -2.80
CA GLY A 157 -7.57 -15.81 -2.08
C GLY A 157 -7.23 -16.01 -0.63
N CYS A 158 -7.87 -15.22 0.24
CA CYS A 158 -7.83 -15.55 1.68
C CYS A 158 -8.67 -16.77 1.98
N LEU A 159 -8.39 -17.38 3.13
CA LEU A 159 -9.10 -18.57 3.55
C LEU A 159 -9.87 -18.36 4.85
N SER A 160 -11.12 -18.80 4.81
CA SER A 160 -11.92 -19.08 6.03
C SER A 160 -12.30 -20.54 6.20
N GLY A 161 -11.62 -21.32 7.06
CA GLY A 161 -11.69 -22.76 6.97
C GLY A 161 -11.33 -23.13 5.50
N THR A 162 -12.20 -23.85 4.82
CA THR A 162 -11.96 -24.34 3.43
C THR A 162 -12.70 -23.42 2.38
N ASN A 163 -13.36 -22.32 2.83
CA ASN A 163 -14.07 -21.34 2.00
C ASN A 163 -13.16 -20.25 1.64
N VAL A 164 -12.97 -19.99 0.37
CA VAL A 164 -12.22 -18.87 -0.12
C VAL A 164 -12.92 -17.55 0.15
N GLN A 165 -12.15 -16.54 0.57
CA GLN A 165 -12.57 -15.13 0.48
C GLN A 165 -11.89 -14.26 -0.50
N PRO A 166 -12.67 -13.39 -1.22
CA PRO A 166 -12.19 -12.59 -2.39
C PRO A 166 -11.20 -11.40 -1.96
N VAL A 167 -10.25 -11.12 -2.83
CA VAL A 167 -9.17 -10.22 -2.42
C VAL A 167 -9.29 -9.02 -3.38
N GLN A 168 -8.89 -7.86 -2.90
CA GLN A 168 -8.76 -6.68 -3.71
C GLN A 168 -7.64 -6.85 -4.82
N PHE A 169 -7.59 -6.00 -5.84
CA PHE A 169 -6.41 -6.01 -6.79
C PHE A 169 -6.35 -7.16 -7.77
N GLY A 170 -7.45 -7.82 -8.03
CA GLY A 170 -7.48 -8.91 -9.00
C GLY A 170 -6.86 -8.59 -10.38
N ASN A 171 -7.34 -7.57 -11.01
CA ASN A 171 -6.75 -7.08 -12.20
C ASN A 171 -5.22 -6.81 -12.24
N LEU A 172 -4.67 -6.15 -11.25
CA LEU A 172 -3.25 -5.99 -11.19
C LEU A 172 -2.51 -7.33 -10.86
N LYS A 173 -3.13 -8.12 -9.97
CA LYS A 173 -2.69 -9.51 -9.74
C LYS A 173 -2.62 -10.35 -10.96
N ALA A 174 -3.61 -10.27 -11.90
CA ALA A 174 -3.66 -11.09 -13.11
C ALA A 174 -2.48 -10.72 -14.01
N ARG A 175 -2.12 -9.42 -14.05
CA ARG A 175 -0.95 -9.04 -14.79
C ARG A 175 0.26 -9.93 -14.48
N ALA A 176 0.49 -10.29 -13.24
CA ALA A 176 1.68 -10.96 -12.77
C ALA A 176 1.62 -12.38 -13.25
N ALA A 177 0.44 -12.91 -13.28
CA ALA A 177 0.26 -14.26 -13.73
C ALA A 177 0.41 -14.32 -15.25
N HIS A 178 -0.23 -13.41 -16.00
CA HIS A 178 -0.35 -13.45 -17.50
C HIS A 178 1.06 -13.18 -18.12
N LYS A 179 1.86 -12.39 -17.40
CA LYS A 179 3.15 -12.06 -17.82
C LYS A 179 3.97 -13.30 -18.11
N ILE A 180 3.73 -14.34 -17.35
CA ILE A 180 4.37 -15.53 -17.76
C ILE A 180 3.47 -16.59 -18.34
N GLY A 181 2.30 -16.21 -18.92
CA GLY A 181 1.41 -17.27 -19.58
C GLY A 181 0.51 -18.16 -18.67
N LEU A 182 0.29 -17.73 -17.44
CA LEU A 182 -0.48 -18.45 -16.42
C LEU A 182 -1.78 -17.76 -16.12
N PRO A 183 -2.88 -18.56 -15.90
CA PRO A 183 -4.02 -17.99 -15.29
C PRO A 183 -3.92 -17.59 -13.84
N LEU A 184 -4.62 -16.48 -13.56
CA LEU A 184 -5.03 -16.13 -12.19
C LEU A 184 -6.30 -16.92 -11.76
N VAL A 185 -6.17 -17.71 -10.67
CA VAL A 185 -7.20 -18.56 -10.23
C VAL A 185 -7.51 -18.21 -8.78
N GLY A 186 -8.77 -18.12 -8.51
CA GLY A 186 -9.15 -17.83 -7.12
C GLY A 186 -10.35 -16.90 -6.99
N THR A 188 -11.44 -12.66 -6.46
CA THR A 188 -11.12 -11.26 -6.29
C THR A 188 -12.38 -10.40 -6.26
N GLN A 189 -12.32 -9.27 -5.54
CA GLN A 189 -13.42 -8.28 -5.59
C GLN A 189 -13.70 -7.72 -7.00
N ASP A 190 -12.73 -7.56 -7.86
CA ASP A 190 -13.06 -7.01 -9.19
C ASP A 190 -13.20 -8.08 -10.33
N GLY A 191 -13.38 -9.36 -10.03
CA GLY A 191 -13.50 -10.34 -11.14
C GLY A 191 -12.21 -10.45 -11.98
N GLY A 192 -11.06 -10.08 -11.40
CA GLY A 192 -9.83 -10.12 -12.25
C GLY A 192 -9.30 -11.52 -12.55
N GLU A 193 -9.77 -12.50 -11.81
CA GLU A 193 -9.23 -13.90 -12.00
C GLU A 193 -9.72 -14.46 -13.35
N ASP A 194 -8.91 -15.29 -14.03
CA ASP A 194 -9.38 -16.01 -15.18
C ASP A 194 -10.46 -17.10 -14.88
N THR A 195 -10.31 -17.77 -13.73
CA THR A 195 -11.20 -18.80 -13.24
C THR A 195 -11.49 -18.66 -11.81
N ARG A 196 -12.76 -18.64 -11.45
CA ARG A 196 -13.17 -18.35 -10.08
C ARG A 196 -13.35 -19.60 -9.25
N ILE A 197 -12.73 -19.66 -8.06
CA ILE A 197 -12.73 -20.90 -7.33
C ILE A 197 -13.04 -20.50 -5.91
N CYS A 198 -14.09 -21.08 -5.29
CA CYS A 198 -14.58 -20.64 -3.96
C CYS A 198 -14.23 -21.56 -2.84
N THR A 199 -13.64 -22.68 -3.19
CA THR A 199 -13.22 -23.61 -2.12
C THR A 199 -11.82 -24.13 -2.36
N LEU A 200 -11.20 -24.54 -1.27
CA LEU A 200 -9.89 -25.22 -1.34
C LEU A 200 -9.82 -26.57 -2.07
N ASP A 201 -10.86 -27.35 -1.98
CA ASP A 201 -11.09 -28.57 -2.78
C ASP A 201 -11.12 -28.32 -4.30
N ASP A 202 -11.82 -27.26 -4.70
CA ASP A 202 -11.87 -26.88 -6.11
C ASP A 202 -10.57 -26.34 -6.58
N ALA A 203 -9.92 -25.55 -5.78
CA ALA A 203 -8.52 -25.15 -6.11
C ALA A 203 -7.53 -26.29 -6.23
N ALA A 204 -7.55 -27.32 -5.34
CA ALA A 204 -6.74 -28.50 -5.57
C ALA A 204 -7.18 -29.28 -6.77
N ASP A 205 -8.52 -29.42 -7.01
CA ASP A 205 -8.99 -29.95 -8.30
C ASP A 205 -8.43 -29.20 -9.51
N HIS A 206 -8.46 -27.88 -9.49
CA HIS A 206 -8.01 -27.09 -10.57
C HIS A 206 -6.48 -27.30 -10.77
N ALA A 207 -5.73 -27.40 -9.70
CA ALA A 207 -4.29 -27.53 -9.71
C ALA A 207 -3.90 -28.84 -10.45
N PHE A 208 -4.64 -29.88 -10.15
CA PHE A 208 -4.33 -31.16 -10.70
C PHE A 208 -4.72 -31.09 -12.24
N ASP A 209 -5.92 -30.59 -12.53
CA ASP A 209 -6.41 -30.35 -13.95
C ASP A 209 -5.37 -29.58 -14.79
N SER A 210 -4.64 -28.67 -14.08
CA SER A 210 -3.73 -27.67 -14.75
C SER A 210 -2.57 -28.39 -15.38
N GLU A 212 -2.59 -31.27 -17.18
CA GLU A 212 -2.85 -31.75 -18.55
C GLU A 212 -2.22 -30.77 -19.60
N SER A 213 -2.89 -30.54 -20.74
CA SER A 213 -2.23 -30.10 -22.01
C SER A 213 -2.91 -28.83 -22.52
N ASP B 3 11.94 -0.48 -17.30
CA ASP B 3 11.12 0.35 -18.23
C ASP B 3 10.30 1.26 -17.34
N LEU B 4 9.19 1.65 -17.91
CA LEU B 4 8.52 2.85 -17.62
C LEU B 4 7.15 2.19 -17.34
N PRO B 5 6.25 2.94 -16.68
CA PRO B 5 5.08 2.28 -16.04
C PRO B 5 3.95 2.12 -17.01
N ILE B 6 3.10 1.08 -16.80
CA ILE B 6 1.93 0.80 -17.65
C ILE B 6 0.76 1.33 -16.86
N SER B 7 -0.07 2.11 -17.52
CA SER B 7 -1.26 2.67 -16.81
C SER B 7 -2.32 1.58 -16.57
N LEU B 8 -2.85 1.44 -15.40
CA LEU B 8 -3.98 0.55 -15.42
C LEU B 8 -5.04 0.93 -14.46
N LEU B 9 -6.27 0.45 -14.80
CA LEU B 9 -7.51 0.74 -14.12
C LEU B 9 -7.89 -0.28 -13.13
N GLN B 10 -7.95 0.11 -11.86
CA GLN B 10 -8.10 -0.89 -10.85
C GLN B 10 -9.22 -0.41 -9.98
N THR B 11 -10.32 -1.16 -9.91
CA THR B 11 -11.34 -0.88 -8.93
C THR B 11 -10.87 -1.21 -7.56
N LEU B 12 -11.23 -0.34 -6.60
CA LEU B 12 -10.82 -0.44 -5.17
C LEU B 12 -12.08 -0.59 -4.36
N ALA B 13 -12.04 -1.27 -3.23
CA ALA B 13 -13.21 -1.20 -2.33
C ALA B 13 -12.79 -0.23 -1.26
N TYR B 14 -13.34 0.97 -1.31
CA TYR B 14 -13.01 1.99 -0.34
C TYR B 14 -13.98 2.01 0.94
N LYS B 15 -13.41 2.22 2.09
CA LYS B 15 -14.19 2.38 3.32
C LYS B 15 -13.66 3.61 3.94
N GLN B 16 -14.54 4.31 4.64
CA GLN B 16 -14.28 5.60 5.32
C GLN B 16 -13.64 5.27 6.59
N PRO B 17 -12.43 5.78 6.89
CA PRO B 17 -11.72 5.14 8.00
C PRO B 17 -12.33 5.44 9.37
N LEU B 18 -12.31 4.49 10.30
CA LEU B 18 -12.85 4.76 11.65
C LEU B 18 -11.78 5.51 12.44
N GLY B 19 -12.20 6.50 13.21
CA GLY B 19 -11.25 7.16 14.05
C GLY B 19 -11.68 7.00 15.49
N ARG B 20 -10.86 7.48 16.42
CA ARG B 20 -11.15 7.33 17.83
C ARG B 20 -10.53 8.50 18.58
N ASN B 21 -10.93 8.61 19.85
CA ASN B 21 -10.34 9.52 20.81
C ASN B 21 -10.30 10.94 20.25
N SER B 22 -11.42 11.33 19.61
CA SER B 22 -11.68 12.69 19.05
C SER B 22 -11.37 13.79 20.08
N ARG B 23 -10.57 14.76 19.66
CA ARG B 23 -10.29 15.92 20.51
C ARG B 23 -10.01 17.08 19.58
N ILE B 24 -10.90 18.07 19.65
CA ILE B 24 -10.67 19.37 19.04
C ILE B 24 -9.52 20.03 19.75
N VAL B 25 -8.46 20.28 19.00
CA VAL B 25 -7.38 21.13 19.45
C VAL B 25 -7.24 22.31 18.50
N HIS B 26 -6.73 23.42 19.05
CA HIS B 26 -6.57 24.65 18.29
C HIS B 26 -5.19 24.75 17.67
N PHE B 27 -5.16 24.77 16.35
CA PHE B 27 -3.96 25.02 15.65
C PHE B 27 -4.06 26.36 14.92
N THR B 28 -3.02 27.19 15.12
CA THR B 28 -2.85 28.45 14.41
C THR B 28 -2.23 28.28 13.03
N ASP B 29 -1.55 27.16 12.79
CA ASP B 29 -0.91 26.87 11.45
C ASP B 29 -0.74 25.36 11.17
N GLY B 30 -0.22 25.02 9.99
CA GLY B 30 -0.13 23.58 9.65
C GLY B 30 -0.87 23.37 8.39
N ALA B 31 -0.88 22.15 7.88
CA ALA B 31 -1.30 21.94 6.52
C ALA B 31 -1.81 20.49 6.28
N LEU B 32 -2.95 20.36 5.63
CA LEU B 32 -3.52 19.00 5.43
C LEU B 32 -2.89 18.29 4.24
N PHE B 33 -2.97 16.95 4.16
CA PHE B 33 -2.42 16.22 3.05
C PHE B 33 -3.11 14.86 3.14
N PRO B 34 -3.45 14.23 2.00
CA PRO B 34 -4.18 12.99 2.09
C PRO B 34 -3.23 11.80 2.36
N VAL B 35 -3.78 10.88 3.22
CA VAL B 35 -3.14 9.53 3.51
C VAL B 35 -3.97 8.31 3.05
N VAL B 36 -3.31 7.44 2.29
CA VAL B 36 -4.05 6.34 1.68
C VAL B 36 -3.36 5.12 2.26
N ALA B 37 -4.13 4.07 2.44
CA ALA B 37 -3.58 2.70 2.78
C ALA B 37 -4.47 1.56 2.12
N PHE B 38 -3.86 0.37 1.92
CA PHE B 38 -4.34 -0.78 1.10
C PHE B 38 -4.18 -2.06 1.82
N GLY B 39 -5.25 -2.78 1.96
CA GLY B 39 -5.19 -4.12 2.62
C GLY B 39 -5.88 -5.11 1.70
N ASP B 40 -5.95 -6.39 2.11
CA ASP B 40 -6.62 -7.43 1.36
C ASP B 40 -8.05 -6.95 1.56
N ASN B 41 -9.00 -7.10 0.73
CA ASN B 41 -10.30 -6.45 1.44
C ASN B 41 -10.62 -4.95 1.20
N HIS B 42 -9.83 -4.00 1.64
CA HIS B 42 -10.20 -2.69 1.31
C HIS B 42 -9.10 -1.63 1.40
N SER B 43 -9.48 -0.40 1.08
CA SER B 43 -8.57 0.71 0.95
C SER B 43 -9.15 1.82 1.78
N THR B 44 -8.34 2.75 2.27
CA THR B 44 -8.82 3.85 3.04
C THR B 44 -8.22 5.10 2.49
N SER B 45 -8.95 6.20 2.66
CA SER B 45 -8.37 7.47 2.35
C SER B 45 -8.89 8.42 3.39
N GLU B 46 -7.91 9.13 4.03
CA GLU B 46 -8.04 10.12 5.17
C GLU B 46 -7.18 11.38 4.94
N LEU B 47 -7.53 12.47 5.62
CA LEU B 47 -6.62 13.60 5.86
C LEU B 47 -5.71 13.49 7.17
N TYR B 48 -4.43 13.91 7.07
CA TYR B 48 -3.58 14.10 8.23
C TYR B 48 -3.22 15.56 8.22
N ILE B 49 -2.90 16.12 9.38
CA ILE B 49 -2.43 17.58 9.38
C ILE B 49 -0.97 17.53 9.69
N ALA B 50 -0.15 18.27 8.93
CA ALA B 50 1.26 18.47 9.32
C ALA B 50 1.55 19.82 10.16
N VAL B 51 2.13 19.75 11.35
CA VAL B 51 2.19 20.94 12.23
C VAL B 51 3.59 21.06 12.75
N ARG B 52 4.20 22.24 12.57
CA ARG B 52 5.55 22.43 13.02
C ARG B 52 5.59 22.20 14.56
N GLY B 53 6.70 21.64 15.02
CA GLY B 53 6.98 21.43 16.47
C GLY B 53 6.64 20.01 17.00
N ASP B 54 7.07 19.59 18.20
CA ASP B 54 6.63 18.21 18.60
C ASP B 54 5.31 18.07 19.43
N HIS B 55 4.25 17.70 18.72
CA HIS B 55 2.96 17.30 19.35
C HIS B 55 2.73 15.81 19.60
N ARG B 56 3.83 15.06 19.84
CA ARG B 56 3.80 13.59 20.16
C ARG B 56 2.85 13.14 21.33
N ASP B 57 2.23 14.11 22.01
CA ASP B 57 1.33 13.81 23.15
C ASP B 57 -0.10 13.80 22.62
N LEU B 58 -0.29 14.45 21.44
CA LEU B 58 -1.54 14.34 20.62
C LEU B 58 -1.70 13.01 19.76
N SER B 60 -1.39 8.98 18.83
CA SER B 60 -1.34 7.57 19.22
C SER B 60 0.10 7.09 19.63
N PRO B 61 0.22 6.32 20.77
CA PRO B 61 1.39 5.60 21.34
C PRO B 61 2.25 4.70 20.48
N ASP B 62 1.61 3.73 19.86
CA ASP B 62 2.24 2.81 18.93
C ASP B 62 2.65 3.56 17.68
N VAL B 63 2.33 4.85 17.63
CA VAL B 63 2.87 5.62 16.53
C VAL B 63 3.89 6.71 16.98
N ARG B 64 3.87 7.06 18.29
CA ARG B 64 4.84 8.03 19.01
C ARG B 64 6.31 7.86 18.77
N ASP B 65 6.67 6.61 18.49
CA ASP B 65 8.05 6.14 18.28
C ASP B 65 8.56 6.51 16.95
N SER B 66 7.67 6.45 15.97
CA SER B 66 7.98 6.61 14.57
C SER B 66 8.19 8.10 14.21
N TYR B 67 9.30 8.35 13.50
CA TYR B 67 9.54 9.60 12.79
C TYR B 67 10.30 9.30 11.52
N ALA B 68 10.20 10.21 10.53
CA ALA B 68 11.21 10.26 9.46
C ALA B 68 12.02 11.58 9.51
N LEU B 69 13.07 11.62 8.67
CA LEU B 69 14.00 12.72 8.56
C LEU B 69 13.73 13.59 7.36
N THR B 70 13.99 14.89 7.53
CA THR B 70 13.87 15.96 6.48
C THR B 70 15.25 16.17 5.83
N GLY B 71 15.33 16.79 4.68
CA GLY B 71 16.65 17.08 4.10
C GLY B 71 17.64 17.86 4.99
N ASP B 72 17.15 18.33 6.15
CA ASP B 72 17.98 19.06 7.12
C ASP B 72 17.94 18.33 8.49
N ASP B 73 17.57 17.05 8.44
CA ASP B 73 17.61 16.15 9.58
C ASP B 73 16.78 16.64 10.79
N HIS B 74 15.78 17.44 10.52
CA HIS B 74 14.76 17.65 11.49
C HIS B 74 13.88 16.44 11.38
N LYS B 75 13.09 16.14 12.42
CA LYS B 75 12.22 14.96 12.47
C LYS B 75 10.76 15.27 12.13
N VAL B 76 10.14 14.47 11.25
CA VAL B 76 8.64 14.40 11.23
C VAL B 76 8.11 13.25 12.11
N TRP B 77 7.57 13.56 13.28
CA TRP B 77 6.90 12.51 14.10
C TRP B 77 5.64 11.93 13.43
N GLY B 78 5.67 10.60 13.29
CA GLY B 78 4.56 9.79 12.76
C GLY B 78 4.71 9.26 11.34
N ALA B 79 5.88 9.55 10.76
CA ALA B 79 6.18 9.17 9.41
C ALA B 79 7.20 8.04 9.46
N THR B 80 7.36 7.21 8.41
CA THR B 80 8.39 6.15 8.41
C THR B 80 9.24 6.28 7.19
N HIS B 81 10.33 5.49 7.23
CA HIS B 81 10.98 4.84 6.07
C HIS B 81 11.32 5.75 4.84
N LEU B 94 17.69 7.77 3.50
CA LEU B 94 16.24 7.71 3.82
C LEU B 94 15.40 9.04 3.98
N LYS B 95 16.05 10.21 4.04
CA LYS B 95 15.38 11.52 4.17
C LYS B 95 14.34 11.94 3.07
N PHE B 96 13.52 12.93 3.41
CA PHE B 96 12.72 13.69 2.45
C PHE B 96 13.71 14.55 1.65
N ASN B 97 13.25 15.04 0.52
CA ASN B 97 14.00 16.07 -0.14
C ASN B 97 13.68 17.30 0.65
N VAL B 98 12.41 17.42 1.07
CA VAL B 98 12.02 18.73 1.62
C VAL B 98 12.77 19.07 2.92
N LYS B 99 13.18 20.35 2.99
CA LYS B 99 13.87 20.97 4.14
C LYS B 99 12.91 21.90 4.85
N THR B 100 12.87 21.79 6.16
CA THR B 100 11.82 22.52 6.85
C THR B 100 12.32 23.50 7.86
N ARG B 101 13.62 23.43 8.12
CA ARG B 101 14.26 24.21 9.18
C ARG B 101 13.49 24.00 10.47
N THR B 102 12.58 22.99 10.44
CA THR B 102 11.92 22.50 11.70
C THR B 102 11.57 20.98 11.86
N ASP B 103 11.29 20.58 13.12
CA ASP B 103 10.58 19.38 13.40
C ASP B 103 9.14 19.65 13.11
N LEU B 104 8.43 18.56 12.85
CA LEU B 104 7.06 18.69 12.60
C LEU B 104 6.42 17.44 13.22
N THR B 105 5.14 17.55 13.57
CA THR B 105 4.33 16.36 13.84
C THR B 105 3.21 16.19 12.81
N ILE B 106 2.93 14.92 12.38
CA ILE B 106 1.70 14.56 11.55
C ILE B 106 0.67 13.81 12.39
N LEU B 107 -0.63 14.08 12.16
CA LEU B 107 -1.69 13.73 13.08
C LEU B 107 -2.97 13.45 12.26
N PRO B 108 -3.60 12.28 12.45
CA PRO B 108 -4.86 12.08 11.68
C PRO B 108 -5.95 13.07 12.11
N VAL B 109 -6.72 13.64 11.18
CA VAL B 109 -7.86 14.55 11.46
C VAL B 109 -9.21 13.99 10.91
N ALA B 110 -10.31 14.31 11.55
CA ALA B 110 -11.62 13.85 11.16
C ALA B 110 -12.43 14.95 10.51
N ASP B 111 -12.06 16.18 10.75
CA ASP B 111 -12.78 17.38 10.31
C ASP B 111 -11.98 18.59 10.83
N VAL B 112 -12.25 19.76 10.31
CA VAL B 112 -11.46 20.93 10.61
C VAL B 112 -12.42 22.14 10.53
N PHE B 113 -12.45 23.03 11.50
CA PHE B 113 -13.39 24.17 11.32
C PHE B 113 -12.51 25.44 11.33
N TRP B 114 -12.31 26.12 10.19
CA TRP B 114 -11.51 27.38 10.20
C TRP B 114 -12.13 28.51 11.02
N ARG B 115 -11.27 29.37 11.58
CA ARG B 115 -11.67 30.53 12.41
C ARG B 115 -11.37 31.78 11.61
N ALA B 116 -11.64 32.93 12.24
CA ALA B 116 -11.54 34.27 11.69
C ALA B 116 -10.17 34.69 11.18
N ASP B 117 -9.12 34.14 11.77
CA ASP B 117 -7.74 34.63 11.55
C ASP B 117 -6.91 33.67 10.66
N GLY B 118 -7.57 32.61 10.25
CA GLY B 118 -6.96 31.69 9.30
C GLY B 118 -6.40 30.53 10.07
N SER B 119 -6.46 30.61 11.41
CA SER B 119 -6.29 29.41 12.25
C SER B 119 -7.58 28.52 12.40
N ALA B 120 -7.41 27.29 12.93
CA ALA B 120 -8.42 26.23 12.79
C ALA B 120 -8.59 25.39 14.05
N ASP B 121 -9.84 25.21 14.44
CA ASP B 121 -10.21 24.19 15.43
C ASP B 121 -10.13 22.76 14.74
N VAL B 122 -9.10 21.96 15.08
CA VAL B 122 -9.01 20.67 14.41
C VAL B 122 -9.30 19.47 15.29
N ASP B 123 -10.22 18.66 14.75
CA ASP B 123 -10.76 17.47 15.32
C ASP B 123 -9.79 16.29 15.28
N VAL B 124 -8.71 16.31 16.07
CA VAL B 124 -7.62 15.32 15.90
C VAL B 124 -8.06 13.94 16.43
N VAL B 125 -7.70 12.91 15.67
CA VAL B 125 -8.12 11.53 15.98
C VAL B 125 -6.95 10.58 16.13
N TRP B 126 -7.20 9.45 16.78
CA TRP B 126 -6.41 8.25 16.71
C TRP B 126 -7.17 7.39 15.70
N ASN B 127 -6.46 6.98 14.67
CA ASN B 127 -6.97 5.97 13.76
C ASN B 127 -6.12 4.78 14.23
N ASP B 128 -6.19 3.62 13.54
CA ASP B 128 -5.38 2.44 13.93
C ASP B 128 -4.28 2.04 12.86
N PRO B 130 -0.55 2.42 10.54
CA PRO B 130 0.86 2.47 11.03
C PRO B 130 1.50 3.86 10.69
N ALA B 131 2.75 4.08 11.10
CA ALA B 131 3.44 5.28 10.67
C ALA B 131 3.29 5.49 9.13
N VAL B 132 3.22 6.73 8.68
CA VAL B 132 2.77 6.97 7.32
C VAL B 132 4.03 6.98 6.44
N ALA B 133 3.98 6.22 5.32
CA ALA B 133 5.16 6.05 4.50
C ALA B 133 5.15 6.97 3.28
N GLY B 134 6.27 7.14 2.63
CA GLY B 134 6.27 7.99 1.45
C GLY B 134 6.34 9.53 1.64
N GLN B 135 6.36 10.24 0.54
CA GLN B 135 6.89 11.54 0.62
C GLN B 135 5.88 12.39 0.00
N SER B 136 4.68 11.87 -0.24
CA SER B 136 3.68 12.63 -0.90
C SER B 136 3.20 13.74 -0.03
N SER B 137 3.70 13.82 1.20
CA SER B 137 3.33 14.89 2.14
C SER B 137 4.24 16.10 2.05
N SER B 138 5.30 15.98 1.28
CA SER B 138 6.29 17.03 1.08
C SER B 138 5.75 18.44 0.99
N ILE B 139 4.80 18.69 0.07
CA ILE B 139 4.07 19.98 0.03
C ILE B 139 3.61 20.50 1.43
N ALA B 140 2.82 19.72 2.16
CA ALA B 140 2.15 20.14 3.44
C ALA B 140 3.10 20.38 4.63
N LEU B 141 4.25 19.71 4.57
CA LEU B 141 5.33 19.95 5.48
C LEU B 141 5.96 21.29 5.14
N ALA B 142 6.36 21.47 3.87
CA ALA B 142 6.84 22.72 3.42
C ALA B 142 5.92 23.85 3.88
N LEU B 143 4.74 23.93 3.29
CA LEU B 143 3.75 24.88 3.72
C LEU B 143 3.61 25.07 5.26
N ALA B 144 3.28 24.01 6.02
CA ALA B 144 3.03 24.10 7.47
C ALA B 144 4.25 24.61 8.22
N SER B 145 5.43 24.54 7.58
CA SER B 145 6.71 24.89 8.19
C SER B 145 7.15 26.31 7.68
N SER B 146 6.35 26.81 6.72
CA SER B 146 6.47 28.23 6.38
C SER B 146 5.24 29.09 6.57
N LEU B 147 4.05 28.58 6.80
CA LEU B 147 2.92 29.55 6.71
C LEU B 147 2.29 29.96 8.10
N PRO B 148 1.84 31.23 8.27
CA PRO B 148 1.04 31.67 9.48
C PRO B 148 -0.48 31.32 9.55
N PHE B 149 -0.94 30.35 8.76
CA PHE B 149 -2.34 29.94 8.73
C PHE B 149 -2.50 28.50 8.35
N VAL B 150 -3.75 28.05 8.41
CA VAL B 150 -4.05 26.73 7.97
C VAL B 150 -4.79 26.86 6.66
N PRO B 151 -4.11 26.54 5.50
CA PRO B 151 -4.68 26.65 4.17
C PRO B 151 -5.96 25.79 4.01
N LYS B 152 -6.94 26.35 3.29
CA LYS B 152 -8.18 25.67 3.03
C LYS B 152 -8.17 24.67 1.79
N ALA B 153 -7.40 23.56 1.91
CA ALA B 153 -7.12 22.55 0.86
C ALA B 153 -6.31 21.43 1.44
N ALA B 154 -6.20 20.34 0.69
CA ALA B 154 -5.35 19.23 0.98
C ALA B 154 -4.37 19.17 -0.15
N TYR B 155 -3.08 18.99 0.19
CA TYR B 155 -2.00 19.05 -0.82
C TYR B 155 -1.26 17.69 -0.83
N THR B 156 -0.79 17.28 -1.99
CA THR B 156 -0.25 15.97 -2.13
C THR B 156 0.71 16.22 -3.37
N GLY B 157 1.87 15.60 -3.34
CA GLY B 157 2.93 15.78 -4.33
C GLY B 157 4.24 15.72 -3.62
N CYS B 158 5.17 14.94 -4.21
CA CYS B 158 6.53 14.78 -3.73
C CYS B 158 7.24 16.02 -4.14
N LEU B 159 8.46 16.21 -3.65
CA LEU B 159 9.25 17.46 -3.86
C LEU B 159 10.56 17.07 -4.34
N SER B 160 10.94 17.59 -5.50
CA SER B 160 12.36 17.55 -5.91
C SER B 160 12.96 18.95 -5.98
N GLY B 161 13.39 19.39 -4.81
CA GLY B 161 13.85 20.75 -4.57
C GLY B 161 12.61 21.59 -4.51
N THR B 162 12.37 22.44 -5.49
CA THR B 162 11.20 23.31 -5.35
C THR B 162 10.03 22.83 -6.26
N ASN B 163 10.37 21.73 -6.93
CA ASN B 163 9.60 21.14 -7.96
C ASN B 163 8.75 20.01 -7.49
N VAL B 164 7.45 20.11 -7.73
CA VAL B 164 6.56 19.00 -7.47
C VAL B 164 6.67 17.79 -8.46
N GLN B 165 6.63 16.55 -7.92
CA GLN B 165 6.63 15.32 -8.66
C GLN B 165 5.28 14.66 -8.35
N PRO B 166 4.64 14.06 -9.39
CA PRO B 166 3.22 13.65 -9.49
C PRO B 166 3.01 12.39 -8.68
N VAL B 167 1.87 12.25 -8.01
CA VAL B 167 1.75 11.13 -7.03
C VAL B 167 0.63 10.23 -7.49
N GLN B 168 0.64 9.00 -7.02
CA GLN B 168 -0.25 7.94 -7.50
C GLN B 168 -1.52 8.20 -6.58
N PHE B 169 -2.72 7.73 -6.94
CA PHE B 169 -3.86 7.77 -6.08
C PHE B 169 -4.58 9.10 -5.92
N GLY B 170 -4.40 10.02 -6.87
CA GLY B 170 -5.03 11.34 -6.77
C GLY B 170 -6.57 11.25 -6.67
N ASN B 171 -7.22 10.38 -7.42
CA ASN B 171 -8.64 10.19 -7.33
C ASN B 171 -9.03 9.70 -5.93
N LEU B 172 -8.42 8.61 -5.42
CA LEU B 172 -8.63 8.22 -4.03
C LEU B 172 -8.28 9.27 -2.93
N LYS B 173 -7.23 10.06 -3.18
CA LYS B 173 -6.86 11.12 -2.29
C LYS B 173 -7.90 12.18 -2.31
N ALA B 174 -8.46 12.47 -3.50
CA ALA B 174 -9.58 13.44 -3.61
C ALA B 174 -10.82 13.17 -2.71
N ARG B 175 -11.32 11.94 -2.65
CA ARG B 175 -12.42 11.63 -1.74
C ARG B 175 -12.24 12.17 -0.33
N ALA B 176 -11.03 11.97 0.22
CA ALA B 176 -10.59 12.37 1.58
C ALA B 176 -10.75 13.88 1.81
N ALA B 177 -10.27 14.67 0.83
CA ALA B 177 -10.50 16.10 0.75
C ALA B 177 -11.97 16.44 0.61
N HIS B 178 -12.68 15.82 -0.35
CA HIS B 178 -14.02 16.30 -0.74
C HIS B 178 -14.96 16.00 0.39
N LYS B 179 -14.64 15.00 1.17
CA LYS B 179 -15.48 14.59 2.30
C LYS B 179 -15.67 15.74 3.36
N ILE B 180 -14.59 16.47 3.65
CA ILE B 180 -14.83 17.69 4.44
C ILE B 180 -14.86 18.93 3.64
N GLY B 181 -15.19 18.83 2.35
CA GLY B 181 -15.59 20.04 1.61
C GLY B 181 -14.45 20.87 1.05
N LEU B 182 -13.27 20.30 1.08
CA LEU B 182 -11.99 20.94 0.61
C LEU B 182 -11.47 20.45 -0.80
N PRO B 183 -10.77 21.37 -1.51
CA PRO B 183 -10.06 20.93 -2.69
C PRO B 183 -8.79 20.08 -2.36
N LEU B 184 -8.45 19.18 -3.26
CA LEU B 184 -7.17 18.48 -3.37
C LEU B 184 -6.35 19.25 -4.38
N VAL B 185 -5.10 19.55 -4.02
CA VAL B 185 -4.30 20.45 -4.73
C VAL B 185 -2.91 19.86 -4.69
N GLY B 186 -2.24 19.86 -5.84
CA GLY B 186 -0.93 19.22 -5.98
C GLY B 186 -0.80 18.71 -7.39
N THR B 188 -0.88 14.84 -9.43
CA THR B 188 -1.22 13.43 -9.46
C THR B 188 -1.11 12.90 -10.88
N GLN B 189 -0.69 11.66 -10.92
CA GLN B 189 -0.60 10.90 -12.15
C GLN B 189 -1.91 10.72 -12.89
N ASP B 190 -3.00 10.70 -12.16
CA ASP B 190 -4.30 10.41 -12.76
C ASP B 190 -5.07 11.68 -12.82
N GLY B 191 -4.47 12.82 -12.51
CA GLY B 191 -5.27 14.09 -12.58
C GLY B 191 -6.49 14.32 -11.65
N GLY B 192 -6.48 13.76 -10.46
CA GLY B 192 -7.64 13.76 -9.64
C GLY B 192 -7.58 15.00 -8.72
N GLU B 193 -6.52 15.82 -8.81
CA GLU B 193 -6.31 17.06 -7.98
C GLU B 193 -7.25 18.06 -8.58
N ASP B 194 -8.05 18.80 -7.81
CA ASP B 194 -9.01 19.77 -8.42
C ASP B 194 -8.19 20.94 -8.97
N THR B 195 -7.04 21.18 -8.30
CA THR B 195 -6.02 22.19 -8.72
C THR B 195 -4.57 21.67 -8.83
N ARG B 196 -3.97 21.85 -9.99
CA ARG B 196 -2.64 21.41 -10.24
C ARG B 196 -1.58 22.43 -9.92
N ILE B 197 -0.51 22.00 -9.26
CA ILE B 197 0.54 22.84 -8.78
C ILE B 197 1.88 22.09 -9.06
N CYS B 198 2.87 22.76 -9.68
CA CYS B 198 4.04 22.10 -10.19
C CYS B 198 5.28 22.64 -9.52
N THR B 199 5.12 23.74 -8.77
CA THR B 199 6.13 24.23 -7.91
C THR B 199 5.63 24.51 -6.44
N LEU B 200 6.60 24.54 -5.55
CA LEU B 200 6.44 25.00 -4.16
C LEU B 200 6.03 26.47 -4.04
N ASP B 201 6.60 27.35 -4.89
CA ASP B 201 6.07 28.74 -4.97
C ASP B 201 4.54 28.75 -5.28
N ASP B 202 4.07 27.87 -6.15
CA ASP B 202 2.71 27.94 -6.65
C ASP B 202 1.80 27.22 -5.68
N ALA B 203 2.43 26.42 -4.83
CA ALA B 203 1.82 25.92 -3.65
C ALA B 203 1.41 27.00 -2.62
N ALA B 204 2.29 27.97 -2.34
CA ALA B 204 2.07 28.90 -1.26
C ALA B 204 1.03 29.82 -1.80
N ASP B 205 1.22 30.20 -3.07
CA ASP B 205 0.32 31.12 -3.78
C ASP B 205 -1.09 30.57 -3.74
N HIS B 206 -1.16 29.24 -3.78
CA HIS B 206 -2.48 28.64 -3.73
C HIS B 206 -3.02 28.72 -2.32
N ALA B 207 -2.19 28.41 -1.31
CA ALA B 207 -2.61 28.47 0.09
C ALA B 207 -3.12 29.95 0.39
N PHE B 208 -2.30 30.97 0.25
CA PHE B 208 -2.83 32.36 0.40
C PHE B 208 -4.15 32.62 -0.35
N ASP B 209 -4.24 32.19 -1.61
CA ASP B 209 -5.49 32.35 -2.34
C ASP B 209 -6.68 31.65 -1.71
N SER B 210 -6.43 30.47 -1.07
CA SER B 210 -7.48 29.60 -0.53
C SER B 210 -8.28 30.27 0.60
N GLU B 212 -9.05 33.12 0.62
CA GLU B 212 -9.92 34.05 -0.08
C GLU B 212 -10.75 34.84 0.93
N SER B 213 -11.77 34.14 1.41
CA SER B 213 -12.94 34.51 2.24
C SER B 213 -13.24 35.82 3.05
N THR B 214 -13.55 36.93 2.35
CA THR B 214 -14.82 37.78 2.59
C THR B 214 -15.23 38.72 3.84
N VAL B 215 -14.41 38.60 4.97
CA VAL B 215 -14.63 39.35 6.24
C VAL B 215 -14.37 40.89 6.13
N THR B 216 -13.77 41.53 7.17
CA THR B 216 -13.45 42.98 7.24
C THR B 216 -11.88 43.35 7.20
N ARG B 217 -11.42 44.39 7.92
CA ARG B 217 -9.98 44.61 8.23
C ARG B 217 -9.68 46.10 8.44
#